data_4FON
#
_entry.id   4FON
#
_cell.length_a   68.180
_cell.length_b   68.180
_cell.length_c   102.688
_cell.angle_alpha   90.00
_cell.angle_beta   90.00
_cell.angle_gamma   90.00
#
_symmetry.space_group_name_H-M   'P 43 21 2'
#
loop_
_entity.id
_entity.type
_entity.pdbx_description
1 polymer 'Proteinase K'
2 non-polymer 'CALCIUM ION'
3 non-polymer TELLURIUM
4 non-polymer 'OXYGEN ATOM'
5 non-polymer 1,2-ETHANEDIOL
6 non-polymer 'SULFATE ION'
7 water water
#
_entity_poly.entity_id   1
_entity_poly.type   'polypeptide(L)'
_entity_poly.pdbx_seq_one_letter_code
;AAQTNAPWGLARISSTSPGTSTYYYDESAGQGSCVYVIDTGIEASHPEFEGRAQMVKTYYYSSRDGNGHGTHCAGTVGSR
TYGVAKKTQLFGVKVLDDNGSGQYSTIIAGMDFVASDKNNRNCPKGVVASLSLGGGYSSSVNSAAARLQSSGVMVAVAAG
NNNADARNYSPASEPSVCTVGASDRYDRRSSFSNYGSVLDIFGPGTDILSTWIGGSTRSISGTSMATPHVAGLAAYLMTL
GKTTAASACRYIADTANKGDLSNIPFGTVNLLAYNNYQA
;
_entity_poly.pdbx_strand_id   A
#
loop_
_chem_comp.id
_chem_comp.type
_chem_comp.name
_chem_comp.formula
CA non-polymer 'CALCIUM ION' 'Ca 2'
EDO non-polymer 1,2-ETHANEDIOL 'C2 H6 O2'
O non-polymer 'OXYGEN ATOM' O
SO4 non-polymer 'SULFATE ION' 'O4 S -2'
TE non-polymer TELLURIUM Te
#
# COMPACT_ATOMS: atom_id res chain seq x y z
N ALA A 1 -19.99 8.48 -1.76
CA ALA A 1 -20.40 7.34 -0.88
C ALA A 1 -19.86 7.61 0.53
N ALA A 2 -20.58 7.12 1.53
CA ALA A 2 -20.22 7.24 2.94
C ALA A 2 -20.28 5.87 3.59
N GLN A 3 -19.17 5.49 4.23
CA GLN A 3 -19.08 4.29 5.05
C GLN A 3 -19.07 4.73 6.50
N THR A 4 -20.13 4.47 7.25
CA THR A 4 -20.12 4.88 8.65
C THR A 4 -19.32 3.88 9.49
N ASN A 5 -18.84 4.40 10.62
CA ASN A 5 -18.02 3.63 11.56
C ASN A 5 -16.89 2.92 10.86
N ALA A 6 -16.21 3.65 9.99
CA ALA A 6 -15.07 3.12 9.25
C ALA A 6 -13.84 3.07 10.16
N PRO A 7 -12.87 2.20 9.83
CA PRO A 7 -11.59 2.28 10.54
C PRO A 7 -11.03 3.71 10.48
N TRP A 8 -10.33 4.12 11.54
CA TRP A 8 -9.92 5.52 11.62
C TRP A 8 -9.09 5.95 10.41
N GLY A 9 -8.26 5.05 9.90
CA GLY A 9 -7.37 5.40 8.79
C GLY A 9 -8.12 5.72 7.51
N LEU A 10 -9.19 4.99 7.24
CA LEU A 10 -10.03 5.30 6.08
C LEU A 10 -10.69 6.66 6.28
N ALA A 11 -11.29 6.88 7.46
CA ALA A 11 -11.86 8.21 7.72
C ALA A 11 -10.81 9.31 7.56
N ARG A 12 -9.58 9.03 7.98
CA ARG A 12 -8.54 10.05 7.94
C ARG A 12 -8.20 10.44 6.51
N ILE A 13 -8.13 9.46 5.61
CA ILE A 13 -7.72 9.75 4.24
C ILE A 13 -8.77 10.52 3.44
N SER A 14 -10.01 10.61 3.92
CA SER A 14 -11.00 11.47 3.27
C SER A 14 -11.37 12.71 4.11
N SER A 15 -10.51 13.11 5.04
CA SER A 15 -10.82 14.21 5.93
C SER A 15 -9.70 15.27 5.98
N THR A 16 -10.12 16.53 6.13
CA THR A 16 -9.19 17.59 6.45
C THR A 16 -8.88 17.71 7.95
N SER A 17 -9.49 16.85 8.78
CA SER A 17 -9.25 16.85 10.21
C SER A 17 -9.18 15.45 10.80
N PRO A 18 -8.36 15.25 11.83
CA PRO A 18 -8.42 13.99 12.58
C PRO A 18 -9.71 13.94 13.41
N GLY A 19 -10.01 12.76 13.92
CA GLY A 19 -11.08 12.61 14.91
C GLY A 19 -12.47 12.34 14.36
N THR A 20 -12.56 11.91 13.11
CA THR A 20 -13.85 11.54 12.54
C THR A 20 -13.85 10.05 12.20
N SER A 21 -15.03 9.51 11.89
CA SER A 21 -15.22 8.06 11.82
C SER A 21 -16.00 7.58 10.58
N THR A 22 -16.18 8.46 9.59
CA THR A 22 -16.89 8.11 8.36
C THR A 22 -15.90 8.27 7.21
N TYR A 23 -15.84 7.28 6.32
CA TYR A 23 -15.02 7.34 5.11
C TYR A 23 -15.89 7.76 3.94
N TYR A 24 -15.47 8.81 3.23
CA TYR A 24 -16.19 9.35 2.08
C TYR A 24 -15.35 9.14 0.82
N TYR A 25 -15.96 8.61 -0.23
CA TYR A 25 -15.22 8.32 -1.44
C TYR A 25 -16.17 8.21 -2.64
N ASP A 26 -15.63 8.42 -3.83
CA ASP A 26 -16.41 8.27 -5.06
C ASP A 26 -16.73 6.79 -5.29
N GLU A 27 -17.98 6.52 -5.65
CA GLU A 27 -18.46 5.14 -5.77
CA GLU A 27 -18.49 5.15 -5.81
C GLU A 27 -17.73 4.30 -6.83
N SER A 28 -17.02 4.95 -7.75
CA SER A 28 -16.19 4.18 -8.69
C SER A 28 -15.22 3.24 -7.96
N ALA A 29 -14.68 3.67 -6.82
CA ALA A 29 -14.02 2.77 -5.84
C ALA A 29 -12.88 1.94 -6.45
N GLY A 30 -12.14 2.51 -7.40
CA GLY A 30 -11.04 1.75 -7.98
C GLY A 30 -11.44 0.65 -8.97
N GLN A 31 -12.70 0.62 -9.40
CA GLN A 31 -13.08 -0.39 -10.38
CA GLN A 31 -13.15 -0.31 -10.44
C GLN A 31 -12.27 -0.20 -11.67
N GLY A 32 -11.80 -1.31 -12.23
CA GLY A 32 -11.01 -1.28 -13.45
C GLY A 32 -9.53 -1.08 -13.25
N SER A 33 -9.12 -0.87 -12.01
CA SER A 33 -7.70 -0.84 -11.62
C SER A 33 -7.28 -2.18 -11.05
N CYS A 34 -5.98 -2.35 -10.86
CA CYS A 34 -5.40 -3.55 -10.29
C CYS A 34 -4.32 -3.16 -9.29
N VAL A 35 -4.28 -3.87 -8.15
CA VAL A 35 -3.22 -3.70 -7.18
C VAL A 35 -2.60 -5.05 -6.86
N TYR A 36 -1.29 -5.13 -7.10
CA TYR A 36 -0.49 -6.27 -6.69
C TYR A 36 0.00 -6.05 -5.26
N VAL A 37 -0.19 -7.06 -4.42
CA VAL A 37 0.29 -7.04 -3.03
C VAL A 37 1.41 -8.07 -2.95
N ILE A 38 2.63 -7.57 -2.84
CA ILE A 38 3.84 -8.39 -2.93
C ILE A 38 4.27 -8.62 -1.48
N ASP A 39 4.02 -9.84 -0.96
CA ASP A 39 4.01 -10.02 0.51
C ASP A 39 3.98 -11.52 0.84
N THR A 40 3.32 -11.87 1.94
CA THR A 40 3.20 -13.27 2.38
C THR A 40 2.05 -14.03 1.69
N GLY A 41 1.36 -13.40 0.74
CA GLY A 41 0.17 -13.98 0.13
C GLY A 41 -1.09 -13.22 0.54
N ILE A 42 -2.22 -13.72 0.05
CA ILE A 42 -3.54 -13.16 0.37
C ILE A 42 -4.50 -14.33 0.53
N GLU A 43 -5.26 -14.35 1.62
CA GLU A 43 -6.35 -15.32 1.77
C GLU A 43 -7.53 -14.85 0.94
N ALA A 44 -7.49 -15.22 -0.34
CA ALA A 44 -8.46 -14.74 -1.31
C ALA A 44 -9.90 -15.17 -0.99
N SER A 45 -10.05 -16.29 -0.28
CA SER A 45 -11.37 -16.78 0.11
C SER A 45 -12.05 -15.95 1.20
N HIS A 46 -11.34 -14.99 1.79
CA HIS A 46 -11.95 -14.19 2.84
C HIS A 46 -13.20 -13.50 2.28
N PRO A 47 -14.35 -13.58 2.98
CA PRO A 47 -15.55 -12.91 2.45
C PRO A 47 -15.35 -11.42 2.17
N GLU A 48 -14.44 -10.78 2.88
CA GLU A 48 -14.16 -9.37 2.68
C GLU A 48 -13.63 -9.00 1.28
N PHE A 49 -13.08 -9.99 0.56
CA PHE A 49 -12.56 -9.73 -0.80
C PHE A 49 -13.57 -9.95 -1.91
N GLU A 50 -14.68 -10.64 -1.62
CA GLU A 50 -15.83 -10.69 -2.55
C GLU A 50 -15.48 -11.29 -3.92
N GLY A 51 -14.48 -12.15 -4.00
CA GLY A 51 -14.08 -12.73 -5.27
C GLY A 51 -13.15 -11.86 -6.10
N ARG A 52 -12.76 -10.69 -5.59
CA ARG A 52 -11.89 -9.75 -6.29
C ARG A 52 -10.40 -9.96 -6.02
N ALA A 53 -10.05 -10.91 -5.14
CA ALA A 53 -8.65 -11.23 -4.86
C ALA A 53 -8.29 -12.59 -5.45
N GLN A 54 -7.05 -12.74 -5.88
CA GLN A 54 -6.51 -14.02 -6.31
C GLN A 54 -5.01 -14.02 -6.13
N MET A 55 -4.49 -15.21 -5.87
CA MET A 55 -3.05 -15.43 -5.93
C MET A 55 -2.60 -15.67 -7.36
N VAL A 56 -1.53 -14.98 -7.79
CA VAL A 56 -1.00 -15.14 -9.13
C VAL A 56 0.42 -15.72 -9.15
N LYS A 57 1.12 -15.72 -8.03
CA LYS A 57 2.49 -16.23 -7.98
C LYS A 57 2.91 -16.56 -6.56
N THR A 58 3.66 -17.66 -6.41
CA THR A 58 4.36 -17.96 -5.20
C THR A 58 5.73 -18.54 -5.52
N TYR A 59 6.67 -18.36 -4.59
CA TYR A 59 8.03 -18.94 -4.71
C TYR A 59 8.26 -20.04 -3.67
N TYR A 60 7.18 -20.46 -3.00
CA TYR A 60 7.23 -21.43 -1.91
C TYR A 60 6.24 -22.58 -2.17
N TYR A 61 6.14 -23.52 -1.22
CA TYR A 61 5.33 -24.73 -1.42
CA TYR A 61 5.34 -24.73 -1.41
C TYR A 61 3.83 -24.48 -1.54
N SER A 62 3.39 -23.29 -1.12
CA SER A 62 1.99 -22.94 -1.26
C SER A 62 1.89 -21.47 -1.62
N SER A 63 0.76 -21.11 -2.23
CA SER A 63 0.40 -19.71 -2.41
CA SER A 63 0.37 -19.71 -2.42
C SER A 63 -0.43 -19.16 -1.25
N ARG A 64 -0.82 -20.03 -0.32
CA ARG A 64 -1.56 -19.65 0.89
CA ARG A 64 -1.59 -19.55 0.82
C ARG A 64 -0.78 -18.65 1.75
N ASP A 65 -1.47 -17.66 2.30
CA ASP A 65 -0.90 -16.80 3.33
C ASP A 65 -1.01 -17.53 4.66
N GLY A 66 0.09 -18.15 5.10
CA GLY A 66 0.16 -18.77 6.40
C GLY A 66 0.60 -17.85 7.52
N ASN A 67 0.72 -16.56 7.23
CA ASN A 67 1.18 -15.57 8.20
C ASN A 67 0.06 -14.62 8.65
N GLY A 68 -0.58 -13.96 7.67
CA GLY A 68 -1.61 -12.97 7.93
C GLY A 68 -1.23 -11.58 7.43
N HIS A 69 0.06 -11.25 7.42
CA HIS A 69 0.51 -9.90 7.08
C HIS A 69 0.03 -9.47 5.70
N GLY A 70 0.24 -10.33 4.69
CA GLY A 70 -0.18 -9.99 3.33
C GLY A 70 -1.68 -9.80 3.20
N THR A 71 -2.43 -10.64 3.91
CA THR A 71 -3.90 -10.55 3.93
C THR A 71 -4.35 -9.22 4.55
N HIS A 72 -3.67 -8.80 5.61
CA HIS A 72 -3.98 -7.53 6.28
C HIS A 72 -3.73 -6.37 5.33
N CYS A 73 -2.57 -6.34 4.70
CA CYS A 73 -2.23 -5.29 3.75
C CYS A 73 -3.23 -5.26 2.58
N ALA A 74 -3.53 -6.44 2.03
CA ALA A 74 -4.50 -6.50 0.95
C ALA A 74 -5.86 -5.96 1.36
N GLY A 75 -6.25 -6.24 2.59
CA GLY A 75 -7.50 -5.74 3.11
C GLY A 75 -7.56 -4.23 3.17
N THR A 76 -6.44 -3.60 3.52
CA THR A 76 -6.39 -2.13 3.56
C THR A 76 -6.42 -1.55 2.14
N VAL A 77 -5.83 -2.24 1.17
CA VAL A 77 -5.96 -1.79 -0.21
C VAL A 77 -7.42 -1.83 -0.65
N GLY A 78 -8.08 -2.98 -0.49
CA GLY A 78 -9.26 -3.27 -1.28
C GLY A 78 -10.36 -4.13 -0.71
N SER A 79 -10.35 -4.43 0.59
CA SER A 79 -11.50 -5.16 1.16
C SER A 79 -12.74 -4.26 1.24
N ARG A 80 -13.90 -4.90 1.28
CA ARG A 80 -15.17 -4.17 1.31
C ARG A 80 -15.30 -3.25 2.53
N THR A 81 -14.90 -3.74 3.71
CA THR A 81 -15.04 -2.95 4.93
C THR A 81 -13.76 -2.16 5.25
N TYR A 82 -12.60 -2.78 5.06
CA TYR A 82 -11.34 -2.23 5.56
C TYR A 82 -10.51 -1.53 4.50
N GLY A 83 -10.98 -1.53 3.24
CA GLY A 83 -10.20 -1.06 2.12
C GLY A 83 -10.49 0.34 1.63
N VAL A 84 -9.43 0.94 1.08
CA VAL A 84 -9.51 2.24 0.43
C VAL A 84 -10.25 2.19 -0.93
N ALA A 85 -9.90 1.19 -1.75
CA ALA A 85 -10.36 1.05 -3.13
C ALA A 85 -11.19 -0.24 -3.20
N LYS A 86 -12.47 -0.10 -2.86
CA LYS A 86 -13.31 -1.25 -2.52
C LYS A 86 -13.76 -2.09 -3.73
N LYS A 87 -13.43 -1.64 -4.95
CA LYS A 87 -13.78 -2.38 -6.16
CA LYS A 87 -13.78 -2.40 -6.15
C LYS A 87 -12.57 -2.71 -7.03
N THR A 88 -11.35 -2.48 -6.52
CA THR A 88 -10.17 -2.86 -7.28
C THR A 88 -10.01 -4.39 -7.35
N GLN A 89 -9.20 -4.83 -8.31
CA GLN A 89 -8.79 -6.22 -8.39
CA GLN A 89 -8.75 -6.20 -8.44
C GLN A 89 -7.45 -6.38 -7.66
N LEU A 90 -7.37 -7.39 -6.80
CA LEU A 90 -6.21 -7.64 -5.97
C LEU A 90 -5.48 -8.89 -6.46
N PHE A 91 -4.17 -8.78 -6.66
CA PHE A 91 -3.34 -9.90 -7.11
C PHE A 91 -2.23 -10.15 -6.10
N GLY A 92 -2.16 -11.36 -5.56
CA GLY A 92 -1.16 -11.69 -4.58
C GLY A 92 0.09 -12.31 -5.19
N VAL A 93 1.26 -11.83 -4.77
CA VAL A 93 2.56 -12.36 -5.16
C VAL A 93 3.30 -12.71 -3.88
N LYS A 94 3.46 -14.00 -3.60
CA LYS A 94 4.02 -14.45 -2.34
C LYS A 94 5.56 -14.58 -2.47
N VAL A 95 6.23 -13.48 -2.12
CA VAL A 95 7.69 -13.41 -2.04
C VAL A 95 8.21 -13.63 -0.62
N LEU A 96 7.32 -13.58 0.38
CA LEU A 96 7.69 -13.79 1.79
C LEU A 96 7.11 -15.11 2.25
N ASP A 97 7.89 -15.87 3.00
CA ASP A 97 7.44 -17.13 3.55
C ASP A 97 6.46 -16.88 4.70
N ASP A 98 5.96 -17.95 5.30
CA ASP A 98 4.95 -17.83 6.34
C ASP A 98 5.49 -17.29 7.65
N ASN A 99 6.81 -17.18 7.78
CA ASN A 99 7.42 -16.45 8.89
C ASN A 99 7.63 -14.97 8.61
N GLY A 100 7.23 -14.50 7.42
CA GLY A 100 7.42 -13.10 7.04
C GLY A 100 8.77 -12.77 6.45
N SER A 101 9.58 -13.78 6.15
CA SER A 101 10.96 -13.61 5.67
C SER A 101 11.06 -13.87 4.19
N GLY A 102 12.04 -13.26 3.54
CA GLY A 102 12.28 -13.55 2.14
C GLY A 102 13.65 -13.07 1.70
N GLN A 103 14.29 -13.85 0.86
CA GLN A 103 15.56 -13.46 0.26
C GLN A 103 15.38 -12.33 -0.72
N TYR A 104 16.35 -11.42 -0.77
CA TYR A 104 16.26 -10.35 -1.74
C TYR A 104 16.15 -10.87 -3.17
N SER A 105 16.81 -11.98 -3.50
CA SER A 105 16.71 -12.51 -4.86
C SER A 105 15.26 -12.88 -5.22
N THR A 106 14.52 -13.40 -4.26
CA THR A 106 13.11 -13.75 -4.49
C THR A 106 12.26 -12.49 -4.63
N ILE A 107 12.53 -11.50 -3.79
CA ILE A 107 11.79 -10.23 -3.84
C ILE A 107 12.01 -9.54 -5.19
N ILE A 108 13.25 -9.53 -5.69
CA ILE A 108 13.55 -8.98 -7.01
C ILE A 108 12.81 -9.73 -8.11
N ALA A 109 12.85 -11.07 -8.07
CA ALA A 109 12.10 -11.85 -9.05
C ALA A 109 10.61 -11.52 -9.02
N GLY A 110 10.07 -11.33 -7.82
CA GLY A 110 8.66 -10.97 -7.72
C GLY A 110 8.31 -9.62 -8.34
N MET A 111 9.18 -8.63 -8.19
CA MET A 111 8.98 -7.32 -8.82
C MET A 111 9.03 -7.44 -10.34
N ASP A 112 10.04 -8.13 -10.87
CA ASP A 112 10.10 -8.26 -12.32
CA ASP A 112 10.16 -8.44 -12.30
C ASP A 112 8.90 -9.11 -12.81
N PHE A 113 8.44 -10.07 -12.01
CA PHE A 113 7.22 -10.81 -12.35
C PHE A 113 6.03 -9.87 -12.54
N VAL A 114 5.81 -8.96 -11.60
CA VAL A 114 4.67 -8.05 -11.71
C VAL A 114 4.78 -7.19 -12.98
N ALA A 115 5.99 -6.70 -13.27
CA ALA A 115 6.18 -5.84 -14.43
C ALA A 115 5.72 -6.53 -15.73
N SER A 116 5.97 -7.83 -15.82
CA SER A 116 5.51 -8.61 -16.97
C SER A 116 4.05 -9.05 -16.84
N ASP A 117 3.69 -9.54 -15.65
CA ASP A 117 2.39 -10.15 -15.45
C ASP A 117 1.24 -9.19 -15.69
N LYS A 118 1.46 -7.89 -15.48
CA LYS A 118 0.37 -6.93 -15.72
C LYS A 118 -0.12 -7.02 -17.16
N ASN A 119 0.75 -7.45 -18.08
CA ASN A 119 0.37 -7.62 -19.49
C ASN A 119 -0.56 -8.81 -19.73
N ASN A 120 -0.75 -9.63 -18.70
N ASN A 120 -0.68 -9.68 -18.71
CA ASN A 120 -1.68 -10.75 -18.72
CA ASN A 120 -1.64 -10.80 -18.65
C ASN A 120 -2.98 -10.48 -17.98
C ASN A 120 -2.95 -10.49 -17.93
N ARG A 121 -3.16 -9.24 -17.53
CA ARG A 121 -4.31 -8.85 -16.70
C ARG A 121 -5.06 -7.71 -17.37
N ASN A 122 -6.32 -7.56 -17.00
CA ASN A 122 -7.17 -6.47 -17.48
C ASN A 122 -7.29 -5.38 -16.41
N CYS A 123 -6.55 -4.29 -16.65
CA CYS A 123 -6.43 -3.19 -15.71
C CYS A 123 -6.53 -1.88 -16.50
N PRO A 124 -7.66 -1.65 -17.15
CA PRO A 124 -7.76 -0.47 -18.03
C PRO A 124 -7.53 0.88 -17.34
N LYS A 125 -7.79 0.95 -16.03
CA LYS A 125 -7.57 2.20 -15.30
C LYS A 125 -6.16 2.31 -14.70
N GLY A 126 -5.35 1.27 -14.77
CA GLY A 126 -3.98 1.32 -14.31
C GLY A 126 -3.65 0.27 -13.25
N VAL A 127 -2.34 0.20 -12.96
CA VAL A 127 -1.74 -0.85 -12.16
C VAL A 127 -0.90 -0.22 -11.04
N VAL A 128 -1.05 -0.78 -9.84
CA VAL A 128 -0.34 -0.38 -8.63
C VAL A 128 0.33 -1.61 -8.03
N ALA A 129 1.46 -1.42 -7.35
CA ALA A 129 2.09 -2.48 -6.57
C ALA A 129 2.38 -1.95 -5.17
N SER A 130 2.01 -2.74 -4.15
CA SER A 130 2.20 -2.38 -2.75
C SER A 130 3.23 -3.34 -2.15
N LEU A 131 4.32 -2.76 -1.63
CA LEU A 131 5.46 -3.50 -1.06
CA LEU A 131 5.47 -3.49 -1.08
C LEU A 131 5.67 -3.12 0.40
N SER A 132 4.98 -3.83 1.30
CA SER A 132 5.10 -3.65 2.73
C SER A 132 6.23 -4.55 3.25
N LEU A 133 7.44 -4.27 2.78
CA LEU A 133 8.59 -5.08 3.13
C LEU A 133 9.85 -4.25 2.94
N GLY A 134 10.95 -4.73 3.51
CA GLY A 134 12.22 -4.05 3.34
C GLY A 134 13.31 -4.67 4.14
N GLY A 135 14.55 -4.29 3.82
CA GLY A 135 15.71 -4.67 4.59
C GLY A 135 16.77 -3.60 4.41
N GLY A 136 18.03 -3.96 4.65
CA GLY A 136 19.11 -3.03 4.50
C GLY A 136 19.32 -2.57 3.05
N TYR A 137 20.05 -1.48 2.90
CA TYR A 137 20.28 -0.90 1.58
C TYR A 137 20.83 -1.93 0.59
N SER A 138 20.20 -1.99 -0.57
CA SER A 138 20.64 -2.84 -1.68
C SER A 138 20.36 -2.13 -2.99
N SER A 139 21.40 -1.88 -3.77
CA SER A 139 21.22 -1.26 -5.07
C SER A 139 20.43 -2.15 -6.00
N SER A 140 20.56 -3.47 -5.89
CA SER A 140 19.81 -4.36 -6.76
CA SER A 140 19.82 -4.40 -6.72
C SER A 140 18.31 -4.38 -6.41
N VAL A 141 17.97 -4.33 -5.13
CA VAL A 141 16.55 -4.24 -4.75
C VAL A 141 15.97 -2.90 -5.21
N ASN A 142 16.70 -1.82 -5.00
CA ASN A 142 16.23 -0.51 -5.46
C ASN A 142 16.02 -0.49 -6.97
N SER A 143 16.98 -1.06 -7.70
CA SER A 143 16.88 -1.10 -9.16
CA SER A 143 16.86 -1.06 -9.17
C SER A 143 15.66 -1.88 -9.63
N ALA A 144 15.36 -2.99 -8.97
CA ALA A 144 14.16 -3.77 -9.31
C ALA A 144 12.88 -2.94 -9.10
N ALA A 145 12.82 -2.19 -8.00
CA ALA A 145 11.69 -1.32 -7.73
C ALA A 145 11.60 -0.19 -8.77
N ALA A 146 12.76 0.34 -9.15
CA ALA A 146 12.81 1.36 -10.19
C ALA A 146 12.32 0.82 -11.54
N ARG A 147 12.71 -0.40 -11.90
CA ARG A 147 12.24 -1.02 -13.14
C ARG A 147 10.72 -1.19 -13.12
N LEU A 148 10.20 -1.70 -12.01
CA LEU A 148 8.77 -1.93 -11.89
C LEU A 148 8.00 -0.62 -12.12
N GLN A 149 8.46 0.45 -11.46
CA GLN A 149 7.87 1.77 -11.63
C GLN A 149 7.98 2.24 -13.09
N SER A 150 9.18 2.14 -13.66
CA SER A 150 9.42 2.54 -15.04
C SER A 150 8.49 1.83 -16.05
N SER A 151 8.16 0.58 -15.74
CA SER A 151 7.32 -0.25 -16.60
C SER A 151 5.86 0.18 -16.64
N GLY A 152 5.46 1.15 -15.81
CA GLY A 152 4.11 1.66 -15.79
C GLY A 152 3.25 1.20 -14.63
N VAL A 153 3.89 0.89 -13.50
CA VAL A 153 3.22 0.49 -12.27
C VAL A 153 3.48 1.54 -11.20
N MET A 154 2.42 1.97 -10.51
CA MET A 154 2.59 2.86 -9.37
C MET A 154 3.11 2.03 -8.21
N VAL A 155 4.39 2.20 -7.85
CA VAL A 155 5.01 1.42 -6.79
C VAL A 155 4.98 2.22 -5.48
N ALA A 156 4.34 1.64 -4.48
CA ALA A 156 4.31 2.20 -3.12
C ALA A 156 5.06 1.24 -2.21
N VAL A 157 6.01 1.77 -1.42
CA VAL A 157 6.84 0.95 -0.56
C VAL A 157 6.88 1.50 0.86
N ALA A 158 7.00 0.61 1.83
CA ALA A 158 7.07 1.01 3.24
C ALA A 158 8.40 1.70 3.55
N ALA A 159 8.36 2.76 4.34
CA ALA A 159 9.58 3.43 4.75
C ALA A 159 10.44 2.59 5.69
N GLY A 160 9.77 1.74 6.47
CA GLY A 160 10.42 0.93 7.51
C GLY A 160 10.11 1.39 8.91
N ASN A 161 10.31 0.49 9.88
CA ASN A 161 9.86 0.69 11.26
C ASN A 161 11.01 0.81 12.25
N ASN A 162 12.08 1.49 11.83
CA ASN A 162 13.32 1.60 12.61
C ASN A 162 13.51 2.94 13.35
N ASN A 163 12.51 3.82 13.26
CA ASN A 163 12.66 5.21 13.74
C ASN A 163 14.01 5.79 13.33
N ALA A 164 14.32 5.64 12.05
CA ALA A 164 15.63 6.03 11.52
C ALA A 164 15.45 6.61 10.11
N ASP A 165 16.52 7.14 9.56
CA ASP A 165 16.48 7.63 8.20
C ASP A 165 16.33 6.47 7.21
N ALA A 166 15.30 6.56 6.37
CA ALA A 166 14.99 5.53 5.38
C ALA A 166 16.05 5.39 4.28
N ARG A 167 17.03 6.31 4.22
CA ARG A 167 18.14 6.24 3.24
CA ARG A 167 18.09 6.22 3.22
C ARG A 167 18.89 4.91 3.32
N ASN A 168 18.87 4.28 4.49
CA ASN A 168 19.66 3.07 4.72
C ASN A 168 18.87 1.77 4.56
N TYR A 169 17.68 1.84 3.94
CA TYR A 169 16.83 0.67 3.76
C TYR A 169 16.33 0.59 2.32
N SER A 170 16.01 -0.64 1.88
CA SER A 170 15.54 -0.89 0.52
C SER A 170 14.30 -1.79 0.53
N PRO A 171 13.34 -1.54 -0.37
CA PRO A 171 13.35 -0.52 -1.42
C PRO A 171 12.97 0.92 -1.00
N ALA A 172 12.84 1.17 0.30
CA ALA A 172 12.47 2.52 0.78
C ALA A 172 13.31 3.63 0.17
N SER A 173 14.61 3.40 0.02
CA SER A 173 15.53 4.43 -0.41
C SER A 173 15.57 4.67 -1.93
N GLU A 174 14.82 3.89 -2.72
CA GLU A 174 14.79 4.11 -4.16
C GLU A 174 14.02 5.40 -4.43
N PRO A 175 14.67 6.42 -5.05
CA PRO A 175 13.96 7.68 -5.17
C PRO A 175 12.71 7.64 -6.03
N SER A 176 12.69 6.80 -7.07
CA SER A 176 11.64 6.89 -8.09
C SER A 176 10.30 6.25 -7.71
N VAL A 177 10.25 5.55 -6.59
CA VAL A 177 9.00 4.94 -6.10
C VAL A 177 8.38 5.87 -5.04
N CYS A 178 7.24 5.45 -4.47
CA CYS A 178 6.52 6.27 -3.49
C CYS A 178 6.78 5.67 -2.11
N THR A 179 7.63 6.33 -1.32
CA THR A 179 8.05 5.83 -0.02
C THR A 179 7.17 6.41 1.08
N VAL A 180 6.56 5.51 1.86
CA VAL A 180 5.43 5.82 2.73
C VAL A 180 5.78 5.65 4.21
N GLY A 181 5.71 6.76 4.94
CA GLY A 181 5.80 6.74 6.40
C GLY A 181 4.44 6.55 7.07
N ALA A 182 4.45 6.33 8.38
CA ALA A 182 3.24 6.03 9.16
C ALA A 182 2.90 7.13 10.14
N SER A 183 1.60 7.40 10.28
CA SER A 183 1.05 8.28 11.30
C SER A 183 0.00 7.56 12.17
N ASP A 184 -0.33 8.19 13.29
CA ASP A 184 -1.34 7.69 14.20
C ASP A 184 -2.62 8.54 14.16
N ARG A 185 -3.62 8.11 14.93
CA ARG A 185 -4.95 8.72 14.81
CA ARG A 185 -4.96 8.70 14.85
C ARG A 185 -5.02 10.13 15.39
N TYR A 186 -3.96 10.55 16.10
CA TYR A 186 -3.84 11.91 16.62
C TYR A 186 -2.89 12.75 15.76
N ASP A 187 -2.60 12.28 14.55
CA ASP A 187 -1.76 13.02 13.61
C ASP A 187 -0.31 13.19 14.10
N ARG A 188 0.15 12.22 14.89
CA ARG A 188 1.57 12.15 15.24
C ARG A 188 2.26 11.19 14.28
N ARG A 189 3.50 11.47 13.93
CA ARG A 189 4.33 10.45 13.30
C ARG A 189 4.31 9.20 14.20
N SER A 190 4.07 8.03 13.62
CA SER A 190 4.08 6.81 14.42
C SER A 190 5.45 6.66 15.08
N SER A 191 5.48 6.11 16.29
CA SER A 191 6.71 6.05 17.09
C SER A 191 7.87 5.35 16.38
N PHE A 192 7.52 4.34 15.60
CA PHE A 192 8.45 3.49 14.89
C PHE A 192 8.76 3.96 13.46
N SER A 193 8.05 4.96 12.94
CA SER A 193 8.17 5.25 11.52
C SER A 193 9.54 5.80 11.17
N ASN A 194 10.14 5.25 10.11
CA ASN A 194 11.28 5.92 9.52
C ASN A 194 10.87 7.26 8.92
N TYR A 195 11.90 8.06 8.66
CA TYR A 195 11.78 9.44 8.22
C TYR A 195 12.92 9.73 7.24
N GLY A 196 13.07 10.99 6.86
CA GLY A 196 14.15 11.42 5.99
C GLY A 196 13.67 12.00 4.69
N SER A 197 14.62 12.56 3.95
CA SER A 197 14.37 13.21 2.67
C SER A 197 13.71 12.32 1.63
N VAL A 198 13.93 11.01 1.69
CA VAL A 198 13.39 10.12 0.67
C VAL A 198 11.90 9.82 0.85
N LEU A 199 11.33 10.04 2.04
CA LEU A 199 9.89 9.88 2.17
C LEU A 199 9.13 10.80 1.22
N ASP A 200 8.08 10.28 0.60
CA ASP A 200 7.19 11.06 -0.25
C ASP A 200 5.90 11.49 0.46
N ILE A 201 5.45 10.70 1.44
CA ILE A 201 4.09 10.81 1.96
C ILE A 201 3.98 9.99 3.24
N PHE A 202 3.02 10.37 4.08
CA PHE A 202 2.60 9.56 5.22
C PHE A 202 1.19 9.05 5.00
N GLY A 203 0.93 7.90 5.59
CA GLY A 203 -0.42 7.35 5.67
C GLY A 203 -0.68 6.74 7.04
N PRO A 204 -1.96 6.45 7.35
CA PRO A 204 -2.29 5.83 8.64
C PRO A 204 -1.57 4.49 8.85
N GLY A 205 -0.86 4.36 9.96
CA GLY A 205 -0.11 3.15 10.23
C GLY A 205 -0.15 2.61 11.64
N THR A 206 -0.69 3.34 12.61
CA THR A 206 -0.80 2.86 13.99
C THR A 206 -2.22 2.38 14.28
N ASP A 207 -2.36 1.14 14.72
CA ASP A 207 -3.63 0.56 15.13
C ASP A 207 -4.64 0.54 13.97
N ILE A 208 -4.26 -0.19 12.93
CA ILE A 208 -5.03 -0.33 11.70
C ILE A 208 -5.77 -1.68 11.66
N LEU A 209 -7.09 -1.62 11.68
CA LEU A 209 -7.97 -2.79 11.57
C LEU A 209 -8.11 -3.20 10.11
N SER A 210 -7.88 -4.48 9.86
CA SER A 210 -8.04 -5.07 8.54
C SER A 210 -8.27 -6.58 8.66
N THR A 211 -8.37 -7.22 7.49
CA THR A 211 -8.52 -8.66 7.37
C THR A 211 -7.32 -9.44 7.91
N TRP A 212 -7.59 -10.67 8.35
CA TRP A 212 -6.56 -11.59 8.77
C TRP A 212 -6.95 -12.99 8.30
N ILE A 213 -5.98 -13.90 8.37
CA ILE A 213 -6.23 -15.26 7.94
C ILE A 213 -7.20 -16.00 8.87
N GLY A 214 -7.73 -17.10 8.36
CA GLY A 214 -8.83 -17.79 9.03
C GLY A 214 -10.12 -16.99 9.00
N GLY A 215 -10.30 -16.14 8.00
CA GLY A 215 -11.55 -15.39 7.84
C GLY A 215 -11.80 -14.41 8.97
N SER A 216 -10.72 -13.86 9.53
CA SER A 216 -10.80 -13.06 10.75
CA SER A 216 -10.81 -13.05 10.76
C SER A 216 -10.43 -11.60 10.47
N THR A 217 -10.27 -10.82 11.53
CA THR A 217 -9.80 -9.43 11.46
C THR A 217 -8.90 -9.18 12.67
N ARG A 218 -8.00 -8.22 12.53
CA ARG A 218 -7.25 -7.72 13.69
C ARG A 218 -6.62 -6.37 13.36
N SER A 219 -6.20 -5.70 14.43
CA SER A 219 -5.52 -4.43 14.35
CA SER A 219 -5.49 -4.43 14.34
C SER A 219 -4.02 -4.64 14.59
N ILE A 220 -3.19 -4.14 13.67
CA ILE A 220 -1.73 -4.14 13.83
C ILE A 220 -1.19 -2.79 13.34
N SER A 221 0.10 -2.56 13.60
CA SER A 221 0.76 -1.29 13.31
C SER A 221 2.01 -1.48 12.48
N GLY A 222 2.30 -0.50 11.63
CA GLY A 222 3.54 -0.48 10.88
C GLY A 222 3.49 0.46 9.70
N THR A 223 4.66 0.79 9.17
CA THR A 223 4.69 1.37 7.84
C THR A 223 4.12 0.39 6.79
N SER A 224 4.10 -0.91 7.12
CA SER A 224 3.42 -1.89 6.29
C SER A 224 1.92 -1.62 6.14
N MET A 225 1.31 -0.97 7.13
CA MET A 225 -0.12 -0.67 7.13
C MET A 225 -0.38 0.68 6.42
N ALA A 226 0.57 1.60 6.51
CA ALA A 226 0.45 2.89 5.83
C ALA A 226 0.53 2.74 4.31
N THR A 227 1.46 1.88 3.87
CA THR A 227 1.75 1.66 2.44
C THR A 227 0.49 1.29 1.63
N PRO A 228 -0.31 0.30 2.08
CA PRO A 228 -1.51 -0.05 1.31
C PRO A 228 -2.59 1.03 1.31
N HIS A 229 -2.60 1.92 2.31
CA HIS A 229 -3.51 3.08 2.21
C HIS A 229 -3.16 3.90 0.98
N VAL A 230 -1.86 4.15 0.78
CA VAL A 230 -1.38 4.91 -0.37
C VAL A 230 -1.57 4.16 -1.69
N ALA A 231 -1.29 2.86 -1.69
CA ALA A 231 -1.51 2.04 -2.89
C ALA A 231 -3.00 2.06 -3.31
N GLY A 232 -3.88 1.86 -2.33
CA GLY A 232 -5.31 1.92 -2.61
C GLY A 232 -5.75 3.29 -3.08
N LEU A 233 -5.20 4.33 -2.46
CA LEU A 233 -5.52 5.70 -2.87
C LEU A 233 -5.12 5.92 -4.33
N ALA A 234 -3.92 5.47 -4.69
CA ALA A 234 -3.47 5.60 -6.08
C ALA A 234 -4.43 4.91 -7.04
N ALA A 235 -4.83 3.68 -6.71
CA ALA A 235 -5.76 2.94 -7.59
C ALA A 235 -7.07 3.70 -7.76
N TYR A 236 -7.60 4.18 -6.64
CA TYR A 236 -8.82 4.99 -6.62
C TYR A 236 -8.71 6.24 -7.52
N LEU A 237 -7.61 6.96 -7.38
CA LEU A 237 -7.40 8.19 -8.19
C LEU A 237 -7.19 7.90 -9.67
N MET A 238 -6.52 6.78 -9.97
CA MET A 238 -6.33 6.37 -11.35
CA MET A 238 -6.33 6.27 -11.34
C MET A 238 -7.67 5.98 -12.00
N THR A 239 -8.54 5.26 -11.28
CA THR A 239 -9.88 4.96 -11.79
C THR A 239 -10.65 6.25 -12.09
N LEU A 240 -10.49 7.28 -11.26
CA LEU A 240 -11.12 8.57 -11.51
C LEU A 240 -10.52 9.36 -12.68
N GLY A 241 -9.39 8.89 -13.19
CA GLY A 241 -8.71 9.57 -14.28
C GLY A 241 -7.94 10.81 -13.84
N LYS A 242 -7.74 10.97 -12.55
CA LYS A 242 -7.08 12.18 -12.03
C LYS A 242 -5.57 12.16 -12.12
N THR A 243 -4.99 10.97 -12.24
CA THR A 243 -3.56 10.81 -12.32
C THR A 243 -3.25 9.47 -13.00
N THR A 244 -1.95 9.19 -13.16
CA THR A 244 -1.46 8.01 -13.88
C THR A 244 -0.43 7.31 -12.99
N ALA A 245 -0.01 6.10 -13.37
CA ALA A 245 0.98 5.37 -12.56
C ALA A 245 2.28 6.16 -12.39
N ALA A 246 2.72 6.84 -13.46
CA ALA A 246 3.98 7.57 -13.42
C ALA A 246 3.89 8.82 -12.55
N SER A 247 2.69 9.38 -12.42
CA SER A 247 2.51 10.68 -11.78
C SER A 247 1.78 10.63 -10.44
N ALA A 248 1.29 9.46 -10.03
CA ALA A 248 0.40 9.36 -8.87
C ALA A 248 1.05 9.75 -7.55
N CYS A 249 2.29 9.34 -7.32
CA CYS A 249 2.96 9.71 -6.08
C CYS A 249 3.05 11.24 -5.94
N ARG A 250 3.48 11.90 -7.02
CA ARG A 250 3.55 13.36 -7.05
CA ARG A 250 3.56 13.35 -7.05
C ARG A 250 2.18 13.99 -6.86
N TYR A 251 1.16 13.43 -7.48
CA TYR A 251 -0.22 13.93 -7.35
C TYR A 251 -0.69 13.81 -5.90
N ILE A 252 -0.42 12.65 -5.29
CA ILE A 252 -0.79 12.44 -3.89
C ILE A 252 -0.06 13.46 -2.99
N ALA A 253 1.23 13.69 -3.23
CA ALA A 253 1.95 14.71 -2.46
C ALA A 253 1.35 16.12 -2.70
N ASP A 254 1.01 16.43 -3.96
N ASP A 254 1.01 16.46 -3.94
CA ASP A 254 0.43 17.75 -4.36
CA ASP A 254 0.52 17.80 -4.21
C ASP A 254 -0.85 18.03 -3.57
C ASP A 254 -0.88 18.05 -3.63
N THR A 255 -1.66 16.98 -3.42
CA THR A 255 -3.02 17.10 -2.92
C THR A 255 -3.18 16.67 -1.45
N ALA A 256 -2.06 16.36 -0.80
CA ALA A 256 -2.04 15.91 0.59
C ALA A 256 -2.52 16.99 1.55
N ASN A 257 -2.93 16.55 2.74
CA ASN A 257 -3.02 17.48 3.87
C ASN A 257 -1.60 17.86 4.29
N LYS A 258 -1.34 19.16 4.37
CA LYS A 258 0.01 19.71 4.53
C LYS A 258 0.21 20.33 5.91
N GLY A 259 1.30 19.97 6.58
CA GLY A 259 1.69 20.62 7.82
C GLY A 259 0.90 20.22 9.04
N ASP A 260 0.14 19.13 8.95
CA ASP A 260 -0.76 18.72 10.03
C ASP A 260 -0.23 17.65 10.98
N LEU A 261 0.91 17.04 10.65
CA LEU A 261 1.49 15.99 11.47
C LEU A 261 2.48 16.58 12.48
N SER A 262 2.55 15.97 13.66
CA SER A 262 3.53 16.32 14.68
C SER A 262 4.68 15.30 14.74
N ASN A 263 5.77 15.73 15.39
CA ASN A 263 7.02 14.99 15.50
C ASN A 263 7.58 14.52 14.16
N ILE A 264 7.45 15.38 13.16
CA ILE A 264 8.12 15.18 11.88
C ILE A 264 9.50 15.85 11.98
N PRO A 265 10.61 15.10 11.81
CA PRO A 265 11.93 15.73 11.94
C PRO A 265 12.14 16.76 10.84
N PHE A 266 12.88 17.81 11.16
CA PHE A 266 13.26 18.81 10.18
C PHE A 266 13.86 18.12 8.94
N GLY A 267 13.37 18.47 7.77
CA GLY A 267 13.86 17.86 6.52
C GLY A 267 13.04 16.71 5.94
N THR A 268 12.06 16.23 6.70
CA THR A 268 11.11 15.23 6.23
C THR A 268 9.79 15.90 5.85
N VAL A 269 9.16 15.46 4.76
CA VAL A 269 7.90 16.06 4.35
C VAL A 269 6.82 15.91 5.41
N ASN A 270 6.00 16.94 5.52
CA ASN A 270 4.84 16.93 6.41
C ASN A 270 3.58 16.88 5.55
N LEU A 271 3.30 15.68 5.05
CA LEU A 271 2.27 15.43 4.03
C LEU A 271 1.56 14.15 4.39
N LEU A 272 0.23 14.23 4.49
CA LEU A 272 -0.63 13.11 4.87
C LEU A 272 -1.60 12.82 3.73
N ALA A 273 -1.60 11.56 3.26
CA ALA A 273 -2.42 11.15 2.12
C ALA A 273 -3.88 11.55 2.30
N TYR A 274 -4.49 12.08 1.24
CA TYR A 274 -5.84 12.66 1.30
C TYR A 274 -6.49 12.53 -0.08
N ASN A 275 -7.72 12.02 -0.12
CA ASN A 275 -8.41 11.80 -1.39
C ASN A 275 -9.07 13.03 -1.99
N ASN A 276 -9.15 14.13 -1.24
CA ASN A 276 -9.82 15.34 -1.69
C ASN A 276 -11.19 15.06 -2.30
N TYR A 277 -11.93 14.10 -1.73
CA TYR A 277 -13.25 13.80 -2.23
C TYR A 277 -14.27 14.78 -1.67
N GLN A 278 -15.00 15.45 -2.56
CA GLN A 278 -16.08 16.34 -2.18
C GLN A 278 -17.39 15.83 -2.77
N ALA A 279 -18.30 15.41 -1.91
CA ALA A 279 -19.68 15.24 -2.33
C ALA A 279 -20.21 16.62 -2.73
CA CA B . 10.03 9.02 -4.22
TE TE C . 6.30 -3.69 8.02
O O D . 7.34 -2.38 7.05
O O E . 7.29 -4.83 6.80
O O F . 5.27 -5.16 8.80
O O G . 5.41 -2.54 9.10
O O H . 7.85 -3.88 9.15
C1 EDO I . -0.96 14.47 -14.15
O1 EDO I . -0.85 13.14 -14.69
C2 EDO I . -1.71 14.46 -12.83
O2 EDO I . -1.05 13.58 -11.92
C1 EDO J . -6.33 19.46 -1.33
O1 EDO J . -5.48 19.08 -0.23
C2 EDO J . -5.70 20.61 -2.13
O2 EDO J . -4.39 20.26 -2.57
S SO4 K . 23.94 -4.94 -3.64
O1 SO4 K . 23.93 -6.27 -4.26
O2 SO4 K . 22.95 -4.12 -4.36
O3 SO4 K . 23.61 -5.10 -2.22
O4 SO4 K . 25.33 -4.42 -3.79
S SO4 L . -2.03 -24.20 -3.34
O1 SO4 L . -1.91 -24.91 -4.63
O2 SO4 L . -3.24 -23.35 -3.32
O3 SO4 L . -0.83 -23.34 -3.15
O4 SO4 L . -2.11 -25.16 -2.22
#